data_7SIQ
#
_entry.id   7SIQ
#
_cell.length_a   96.540
_cell.length_b   96.540
_cell.length_c   170.070
_cell.angle_alpha   90.000
_cell.angle_beta   90.000
_cell.angle_gamma   120.000
#
_symmetry.space_group_name_H-M   'P 32 2 1'
#
loop_
_entity.id
_entity.type
_entity.pdbx_description
1 polymer 'Peptide chain release factor 3'
2 non-polymer "GUANOSINE-5'-DIPHOSPHATE"
3 water water
#
_entity_poly.entity_id   1
_entity_poly.type   'polypeptide(L)'
_entity_poly.pdbx_seq_one_letter_code
;MAHHHHHHMSEVANEASRRRTFAIISHPDAGKTTLTEKLLLFGGAIQMAGSVKGRKAARHATSDWMALEKERGISVTSSV
MQFPYEDKIVNLLDTPGHADFGEDTYRVLTAVDSALMVIDVAKGVEERTIKLMEVCRLRDTPIMTFINKLDREGKDPIEL
LDEVETVLGIQCAPVTWPIGMGQRLKGVVHLLTGEVHLYEPGRNFTRQDSTIFPSIDAPGLAEKIGAQMLADLRDELELV
QGASHPFDLEAYRAGKQTPVFFGSGVNNFGVQPLLDFFVEHAPSPQARSTTGREIAPEENKLTGFVFKIQANMDPQHRDR
VAFMRVCSGRFSAGMKTFHVRTGKEMKLANALTFMASDREIAAEAWPGDVIGIHNHGTISIGDTFTEGEAVTFTGIPNFA
PELFRRARLRDPLKLKQLQKGLAQLSEEGATQFFRPLTSNDLILGAVGVLQFDVAAYRLKDEYGVEATFEPVSVTTARWV
HCSNEKKLEEFREKNALNLALDAAGHLVYLAPTRVNLQLAQERSPDVRFSATREAAHTVSVG
;
_entity_poly.pdbx_strand_id   A
#
loop_
_chem_comp.id
_chem_comp.type
_chem_comp.name
_chem_comp.formula
GDP RNA linking GUANOSINE-5'-DIPHOSPHATE 'C10 H15 N5 O11 P2'
#
# COMPACT_ATOMS: atom_id res chain seq x y z
N SER A 10 12.55 -19.29 19.80
CA SER A 10 11.44 -18.88 20.64
C SER A 10 10.11 -18.82 19.89
N GLU A 11 9.03 -18.77 20.67
CA GLU A 11 7.68 -18.86 20.10
C GLU A 11 7.39 -17.68 19.18
N VAL A 12 7.88 -16.49 19.53
CA VAL A 12 7.66 -15.32 18.68
C VAL A 12 8.46 -15.46 17.38
N ALA A 13 9.76 -15.79 17.49
CA ALA A 13 10.59 -15.91 16.30
C ALA A 13 9.99 -16.91 15.31
N ASN A 14 9.41 -18.00 15.79
CA ASN A 14 8.80 -18.96 14.88
C ASN A 14 7.60 -18.33 14.17
N GLU A 15 6.70 -17.71 14.92
CA GLU A 15 5.47 -17.19 14.31
C GLU A 15 5.79 -16.08 13.32
N ALA A 16 6.80 -15.26 13.62
CA ALA A 16 7.21 -14.21 12.69
C ALA A 16 7.76 -14.79 11.41
N SER A 17 8.52 -15.90 11.52
CA SER A 17 9.10 -16.56 10.36
C SER A 17 8.05 -17.06 9.38
N ARG A 18 6.81 -17.24 9.82
CA ARG A 18 5.74 -17.66 8.92
C ARG A 18 5.10 -16.49 8.18
N ARG A 19 5.26 -15.26 8.66
CA ARG A 19 4.45 -14.16 8.18
C ARG A 19 4.92 -13.68 6.81
N ARG A 20 3.94 -13.32 5.97
CA ARG A 20 4.17 -12.73 4.66
C ARG A 20 3.19 -11.55 4.55
N THR A 21 3.63 -10.38 5.00
CA THR A 21 2.78 -9.19 5.01
C THR A 21 3.05 -8.34 3.76
N PHE A 22 2.03 -8.15 2.94
CA PHE A 22 2.24 -7.52 1.65
C PHE A 22 0.97 -6.81 1.20
N ALA A 23 1.13 -5.91 0.23
CA ALA A 23 0.00 -5.24 -0.41
C ALA A 23 0.16 -5.28 -1.92
N ILE A 24 -0.95 -5.06 -2.62
CA ILE A 24 -0.96 -5.03 -4.08
C ILE A 24 -0.93 -3.57 -4.53
N ILE A 25 -0.06 -3.25 -5.47
CA ILE A 25 0.02 -1.92 -6.07
C ILE A 25 -0.38 -2.04 -7.54
N SER A 26 -1.36 -1.23 -7.95
CA SER A 26 -1.89 -1.37 -9.29
C SER A 26 -2.48 -0.05 -9.79
N HIS A 27 -2.50 0.09 -11.09
CA HIS A 27 -3.37 1.10 -11.64
C HIS A 27 -4.80 0.57 -11.64
N PRO A 28 -5.81 1.42 -11.46
CA PRO A 28 -7.19 0.94 -11.47
C PRO A 28 -7.51 0.14 -12.73
N ASP A 29 -8.49 -0.75 -12.60
CA ASP A 29 -8.92 -1.70 -13.63
C ASP A 29 -7.81 -2.66 -14.05
N ALA A 30 -6.73 -2.78 -13.28
CA ALA A 30 -5.71 -3.79 -13.59
C ALA A 30 -6.21 -5.18 -13.21
N GLY A 31 -6.72 -5.32 -11.98
CA GLY A 31 -7.16 -6.62 -11.49
C GLY A 31 -7.01 -6.85 -9.99
N LYS A 32 -6.65 -5.80 -9.24
CA LYS A 32 -6.36 -5.94 -7.81
C LYS A 32 -7.45 -6.69 -7.06
N THR A 33 -8.72 -6.30 -7.27
CA THR A 33 -9.78 -7.00 -6.55
C THR A 33 -10.03 -8.38 -7.13
N THR A 34 -9.88 -8.55 -8.45
CA THR A 34 -9.99 -9.88 -9.03
C THR A 34 -8.93 -10.82 -8.44
N LEU A 35 -7.68 -10.38 -8.44
CA LEU A 35 -6.58 -11.22 -7.97
C LEU A 35 -6.64 -11.43 -6.46
N THR A 36 -7.19 -10.48 -5.72
CA THR A 36 -7.38 -10.68 -4.28
C THR A 36 -8.36 -11.82 -4.02
N GLU A 37 -9.48 -11.83 -4.73
CA GLU A 37 -10.45 -12.93 -4.60
C GLU A 37 -9.78 -14.28 -4.85
N LYS A 38 -9.06 -14.39 -5.97
CA LYS A 38 -8.48 -15.67 -6.34
C LYS A 38 -7.45 -16.16 -5.32
N LEU A 39 -6.83 -15.23 -4.58
CA LEU A 39 -5.94 -15.65 -3.51
C LEU A 39 -6.71 -15.98 -2.23
N LEU A 40 -7.75 -15.20 -1.92
CA LEU A 40 -8.61 -15.55 -0.79
C LEU A 40 -9.17 -16.96 -0.96
N LEU A 41 -9.42 -17.36 -2.20
CA LEU A 41 -9.83 -18.74 -2.46
C LEU A 41 -8.80 -19.71 -1.94
N PHE A 42 -7.53 -19.45 -2.22
CA PHE A 42 -6.48 -20.35 -1.78
C PHE A 42 -6.29 -20.30 -0.28
N GLY A 43 -6.61 -19.19 0.36
CA GLY A 43 -6.55 -19.16 1.80
C GLY A 43 -7.74 -19.76 2.51
N GLY A 44 -8.73 -20.26 1.76
CA GLY A 44 -9.95 -20.74 2.37
C GLY A 44 -10.87 -19.67 2.90
N ALA A 45 -10.67 -18.41 2.52
CA ALA A 45 -11.53 -17.30 2.94
C ALA A 45 -12.66 -17.09 1.94
N ILE A 46 -13.42 -18.16 1.69
CA ILE A 46 -14.47 -18.13 0.67
C ILE A 46 -15.52 -17.10 1.03
N GLN A 47 -15.84 -16.95 2.31
CA GLN A 47 -16.88 -16.01 2.71
C GLN A 47 -16.46 -14.58 2.40
N MET A 48 -15.22 -14.22 2.77
CA MET A 48 -14.71 -12.90 2.43
C MET A 48 -14.48 -12.76 0.93
N ALA A 49 -14.04 -13.85 0.28
CA ALA A 49 -13.77 -13.81 -1.15
C ALA A 49 -15.01 -13.39 -1.94
N GLY A 50 -16.19 -13.79 -1.50
CA GLY A 50 -17.40 -13.41 -2.20
C GLY A 50 -17.81 -11.98 -1.95
N SER A 51 -17.53 -11.47 -0.74
CA SER A 51 -17.86 -10.07 -0.44
C SER A 51 -16.90 -9.12 -1.14
N VAL A 52 -15.65 -9.54 -1.36
CA VAL A 52 -14.70 -8.70 -2.08
C VAL A 52 -15.11 -8.60 -3.55
N LYS A 53 -15.53 -9.72 -4.15
CA LYS A 53 -16.05 -9.66 -5.52
C LYS A 53 -17.40 -8.94 -5.57
N GLY A 54 -18.18 -9.01 -4.48
CA GLY A 54 -19.43 -8.28 -4.41
C GLY A 54 -19.24 -6.79 -4.17
N ARG A 55 -18.05 -6.38 -3.71
CA ARG A 55 -17.75 -4.97 -3.50
C ARG A 55 -17.79 -4.16 -4.79
N LYS A 56 -17.81 -4.82 -5.95
CA LYS A 56 -17.93 -4.13 -7.22
C LYS A 56 -19.33 -3.58 -7.41
N THR A 62 -30.16 0.08 0.13
CA THR A 62 -29.19 0.01 1.22
C THR A 62 -29.75 0.62 2.49
N SER A 63 -29.19 0.25 3.63
CA SER A 63 -29.64 0.79 4.90
C SER A 63 -29.24 2.24 5.04
N ASP A 64 -30.02 2.97 5.84
CA ASP A 64 -29.79 4.41 5.97
C ASP A 64 -28.55 4.69 6.80
N TRP A 65 -28.37 3.97 7.91
CA TRP A 65 -27.26 4.26 8.81
C TRP A 65 -25.91 3.84 8.22
N MET A 66 -25.89 2.86 7.30
CA MET A 66 -24.62 2.52 6.67
C MET A 66 -24.21 3.58 5.65
N ALA A 67 -25.18 4.30 5.10
CA ALA A 67 -24.86 5.42 4.21
C ALA A 67 -24.16 6.53 4.97
N LEU A 68 -24.73 6.95 6.11
CA LEU A 68 -24.06 7.93 6.95
C LEU A 68 -22.69 7.45 7.39
N GLU A 69 -22.52 6.14 7.53
CA GLU A 69 -21.22 5.59 7.88
C GLU A 69 -20.26 5.66 6.70
N LYS A 70 -20.77 5.46 5.48
CA LYS A 70 -19.94 5.71 4.30
C LYS A 70 -19.45 7.16 4.30
N GLU A 71 -20.28 8.09 4.81
CA GLU A 71 -19.87 9.49 4.92
C GLU A 71 -18.75 9.66 5.94
N ARG A 72 -18.75 8.87 7.02
CA ARG A 72 -17.78 9.10 8.08
C ARG A 72 -16.40 8.53 7.76
N GLY A 73 -16.30 7.69 6.73
CA GLY A 73 -14.98 7.31 6.24
C GLY A 73 -14.67 5.83 6.25
N ILE A 74 -15.68 5.00 6.50
CA ILE A 74 -15.47 3.54 6.47
C ILE A 74 -15.29 3.08 5.02
N SER A 75 -14.71 1.89 4.87
CA SER A 75 -14.51 1.27 3.57
C SER A 75 -15.30 -0.02 3.51
N VAL A 76 -15.96 -0.26 2.38
CA VAL A 76 -16.81 -1.45 2.25
C VAL A 76 -15.96 -2.72 2.32
N THR A 77 -14.88 -2.76 1.55
CA THR A 77 -13.94 -3.88 1.60
C THR A 77 -13.18 -3.83 2.91
N SER A 78 -12.93 -5.01 3.49
CA SER A 78 -12.15 -5.09 4.72
C SER A 78 -10.72 -4.60 4.47
N SER A 79 -10.22 -3.74 5.38
CA SER A 79 -8.89 -3.17 5.19
C SER A 79 -7.81 -4.24 5.14
N VAL A 80 -7.89 -5.24 6.01
CA VAL A 80 -6.87 -6.27 6.14
C VAL A 80 -7.50 -7.64 5.92
N MET A 81 -6.78 -8.50 5.19
CA MET A 81 -7.21 -9.87 4.91
C MET A 81 -6.04 -10.80 5.20
N GLN A 82 -6.10 -11.49 6.34
CA GLN A 82 -5.13 -12.53 6.67
C GLN A 82 -5.69 -13.89 6.24
N PHE A 83 -4.80 -14.75 5.73
CA PHE A 83 -5.19 -16.10 5.39
C PHE A 83 -3.97 -17.01 5.43
N PRO A 84 -4.13 -18.28 5.77
CA PRO A 84 -3.01 -19.23 5.76
C PRO A 84 -2.80 -19.88 4.40
N TYR A 85 -1.54 -20.13 4.08
CA TYR A 85 -1.20 -20.87 2.86
C TYR A 85 0.16 -21.53 3.03
N GLU A 86 0.20 -22.86 2.83
CA GLU A 86 1.42 -23.67 2.95
C GLU A 86 2.18 -23.33 4.23
N ASP A 87 1.44 -23.26 5.34
CA ASP A 87 1.98 -23.07 6.67
C ASP A 87 2.66 -21.71 6.84
N LYS A 88 2.45 -20.78 5.91
CA LYS A 88 2.80 -19.37 6.09
C LYS A 88 1.53 -18.58 6.36
N ILE A 89 1.69 -17.44 7.03
CA ILE A 89 0.57 -16.58 7.38
C ILE A 89 0.67 -15.33 6.51
N VAL A 90 -0.24 -15.20 5.56
CA VAL A 90 -0.20 -14.15 4.57
C VAL A 90 -1.13 -13.03 5.01
N ASN A 91 -0.56 -11.88 5.36
CA ASN A 91 -1.32 -10.68 5.68
C ASN A 91 -1.41 -9.81 4.43
N LEU A 92 -2.61 -9.71 3.86
CA LEU A 92 -2.84 -8.92 2.64
C LEU A 92 -3.51 -7.61 3.03
N LEU A 93 -2.73 -6.54 3.06
CA LEU A 93 -3.24 -5.23 3.39
C LEU A 93 -3.81 -4.56 2.14
N ASP A 94 -5.00 -4.02 2.26
CA ASP A 94 -5.67 -3.41 1.12
C ASP A 94 -5.04 -2.07 0.76
N THR A 95 -5.09 -1.75 -0.54
CA THR A 95 -4.75 -0.42 -1.04
C THR A 95 -5.90 0.08 -1.89
N PRO A 96 -6.87 0.76 -1.29
CA PRO A 96 -8.05 1.22 -2.06
C PRO A 96 -7.61 2.16 -3.18
N GLY A 97 -7.99 1.81 -4.40
CA GLY A 97 -7.61 2.58 -5.56
C GLY A 97 -8.75 3.36 -6.18
N HIS A 98 -9.99 3.00 -5.84
CA HIS A 98 -11.14 3.65 -6.45
C HIS A 98 -11.61 4.87 -5.67
N ALA A 99 -12.93 4.97 -5.45
CA ALA A 99 -13.51 6.17 -4.84
C ALA A 99 -12.85 6.50 -3.51
N ASP A 100 -12.40 5.49 -2.77
CA ASP A 100 -11.77 5.65 -1.48
C ASP A 100 -10.26 5.83 -1.56
N PHE A 101 -9.70 5.96 -2.75
CA PHE A 101 -8.30 6.33 -2.90
C PHE A 101 -7.98 7.57 -2.09
N GLY A 102 -6.89 7.52 -1.35
CA GLY A 102 -6.51 8.64 -0.51
C GLY A 102 -5.15 8.40 0.12
N GLU A 103 -4.82 9.24 1.09
CA GLU A 103 -3.50 9.18 1.70
C GLU A 103 -3.27 7.85 2.41
N ASP A 104 -4.30 7.30 3.05
CA ASP A 104 -4.14 6.00 3.69
C ASP A 104 -3.62 4.97 2.70
N THR A 105 -3.99 5.09 1.42
CA THR A 105 -3.50 4.14 0.41
C THR A 105 -1.97 4.18 0.31
N TYR A 106 -1.38 5.37 0.31
CA TYR A 106 0.08 5.47 0.31
C TYR A 106 0.68 4.94 1.60
N ARG A 107 -0.05 5.07 2.71
CA ARG A 107 0.53 4.76 4.03
C ARG A 107 0.60 3.27 4.29
N VAL A 108 -0.40 2.51 3.78
CA VAL A 108 -0.41 1.06 3.95
C VAL A 108 0.92 0.47 3.52
N LEU A 109 1.53 1.04 2.49
CA LEU A 109 2.77 0.50 1.94
C LEU A 109 3.96 0.60 2.88
N THR A 110 3.87 1.44 3.90
CA THR A 110 4.99 1.57 4.81
C THR A 110 4.90 0.56 5.95
N ALA A 111 3.75 -0.12 6.08
CA ALA A 111 3.54 -1.19 7.04
C ALA A 111 3.46 -2.56 6.37
N VAL A 112 4.18 -2.75 5.26
CA VAL A 112 4.33 -4.06 4.65
C VAL A 112 5.83 -4.31 4.45
N ASP A 113 6.16 -5.56 4.11
CA ASP A 113 7.53 -5.94 3.82
C ASP A 113 7.77 -6.30 2.37
N SER A 114 6.71 -6.38 1.56
CA SER A 114 6.80 -6.86 0.20
C SER A 114 5.59 -6.34 -0.56
N ALA A 115 5.69 -6.29 -1.87
CA ALA A 115 4.65 -5.71 -2.68
C ALA A 115 4.46 -6.53 -3.96
N LEU A 116 3.20 -6.70 -4.36
CA LEU A 116 2.85 -7.38 -5.59
C LEU A 116 2.27 -6.36 -6.57
N MET A 117 2.97 -6.13 -7.67
CA MET A 117 2.53 -5.19 -8.68
C MET A 117 1.71 -5.94 -9.73
N VAL A 118 0.51 -5.44 -10.02
CA VAL A 118 -0.35 -6.00 -11.06
C VAL A 118 -0.40 -5.02 -12.22
N ILE A 119 -0.13 -5.50 -13.42
CA ILE A 119 -0.05 -4.68 -14.62
C ILE A 119 -0.94 -5.31 -15.68
N ASP A 120 -1.86 -4.53 -16.23
CA ASP A 120 -2.61 -4.97 -17.39
C ASP A 120 -1.65 -5.16 -18.55
N VAL A 121 -1.85 -6.23 -19.32
CA VAL A 121 -0.95 -6.45 -20.45
C VAL A 121 -1.32 -5.52 -21.62
N ALA A 122 -2.60 -5.18 -21.76
CA ALA A 122 -2.99 -4.27 -22.82
C ALA A 122 -2.47 -2.86 -22.55
N LYS A 123 -2.44 -2.45 -21.29
CA LYS A 123 -2.01 -1.09 -20.94
C LYS A 123 -0.50 -1.05 -20.78
N GLY A 124 0.01 -1.68 -19.74
CA GLY A 124 1.40 -1.57 -19.37
C GLY A 124 1.54 -0.80 -18.07
N VAL A 125 2.73 -0.22 -17.88
CA VAL A 125 2.93 0.65 -16.74
C VAL A 125 2.01 1.86 -16.87
N GLU A 126 1.39 2.27 -15.76
CA GLU A 126 0.40 3.33 -15.79
C GLU A 126 0.66 4.32 -14.66
N GLU A 127 -0.08 5.45 -14.70
CA GLU A 127 0.21 6.58 -13.81
C GLU A 127 0.18 6.15 -12.34
N ARG A 128 -0.76 5.29 -11.96
CA ARG A 128 -0.87 4.89 -10.57
C ARG A 128 0.16 3.83 -10.21
N THR A 129 0.50 2.96 -11.17
CA THR A 129 1.64 2.07 -11.03
C THR A 129 2.89 2.85 -10.65
N ILE A 130 3.17 3.94 -11.39
CA ILE A 130 4.41 4.69 -11.23
C ILE A 130 4.48 5.33 -9.84
N LYS A 131 3.38 5.92 -9.39
CA LYS A 131 3.40 6.62 -8.11
C LYS A 131 3.49 5.63 -6.95
N LEU A 132 2.76 4.52 -7.02
CA LEU A 132 2.83 3.52 -5.96
C LEU A 132 4.24 2.92 -5.89
N MET A 133 4.84 2.66 -7.06
CA MET A 133 6.20 2.11 -7.09
C MET A 133 7.19 3.08 -6.48
N GLU A 134 6.96 4.38 -6.62
CA GLU A 134 7.81 5.37 -5.98
C GLU A 134 7.68 5.32 -4.47
N VAL A 135 6.47 5.06 -3.96
CA VAL A 135 6.29 4.88 -2.52
C VAL A 135 7.09 3.68 -2.03
N CYS A 136 7.10 2.60 -2.81
CA CYS A 136 7.88 1.42 -2.43
C CYS A 136 9.38 1.69 -2.48
N ARG A 137 9.84 2.59 -3.35
CA ARG A 137 11.26 2.88 -3.39
C ARG A 137 11.75 3.47 -2.08
N LEU A 138 10.84 3.99 -1.26
CA LEU A 138 11.25 4.71 -0.04
C LEU A 138 11.86 3.74 0.96
N ARG A 139 11.17 2.63 1.20
CA ARG A 139 11.67 1.57 2.07
C ARG A 139 12.46 0.51 1.31
N ASP A 140 12.66 0.69 0.00
CA ASP A 140 13.28 -0.33 -0.85
C ASP A 140 12.53 -1.66 -0.77
N THR A 141 11.21 -1.55 -0.62
CA THR A 141 10.33 -2.70 -0.53
C THR A 141 10.53 -3.66 -1.70
N PRO A 142 10.69 -4.95 -1.46
CA PRO A 142 10.75 -5.91 -2.57
C PRO A 142 9.44 -5.98 -3.34
N ILE A 143 9.56 -6.20 -4.65
CA ILE A 143 8.44 -6.13 -5.56
C ILE A 143 8.41 -7.41 -6.37
N MET A 144 7.22 -7.98 -6.53
CA MET A 144 6.98 -9.06 -7.48
C MET A 144 5.93 -8.59 -8.48
N THR A 145 6.08 -9.05 -9.72
CA THR A 145 5.26 -8.57 -10.82
C THR A 145 4.39 -9.70 -11.35
N PHE A 146 3.11 -9.41 -11.55
CA PHE A 146 2.17 -10.31 -12.19
C PHE A 146 1.50 -9.57 -13.35
N ILE A 147 1.72 -10.05 -14.56
CA ILE A 147 1.15 -9.46 -15.78
C ILE A 147 -0.20 -10.12 -16.01
N ASN A 148 -1.26 -9.32 -16.01
CA ASN A 148 -2.61 -9.84 -15.98
C ASN A 148 -3.28 -9.71 -17.35
N LYS A 149 -4.38 -10.44 -17.52
CA LYS A 149 -5.27 -10.32 -18.67
C LYS A 149 -4.65 -10.85 -19.95
N LEU A 150 -3.94 -11.97 -19.86
CA LEU A 150 -3.38 -12.56 -21.07
C LEU A 150 -4.39 -13.31 -21.89
N ASP A 151 -5.62 -13.48 -21.40
CA ASP A 151 -6.68 -14.05 -22.22
C ASP A 151 -7.15 -13.11 -23.31
N ARG A 152 -6.70 -11.85 -23.28
CA ARG A 152 -7.02 -10.85 -24.28
C ARG A 152 -5.71 -10.24 -24.78
N GLU A 153 -5.74 -9.72 -26.00
CA GLU A 153 -4.49 -9.29 -26.65
C GLU A 153 -3.91 -8.05 -25.96
N GLY A 154 -2.60 -7.92 -26.07
CA GLY A 154 -1.90 -6.85 -25.39
C GLY A 154 -0.49 -6.70 -25.91
N LYS A 155 0.34 -6.06 -25.10
CA LYS A 155 1.72 -5.77 -25.52
C LYS A 155 2.56 -7.05 -25.59
N ASP A 156 3.64 -6.97 -26.36
CA ASP A 156 4.61 -8.06 -26.45
C ASP A 156 5.34 -8.21 -25.11
N PRO A 157 5.53 -9.43 -24.62
CA PRO A 157 6.21 -9.59 -23.32
C PRO A 157 7.63 -9.06 -23.32
N ILE A 158 8.38 -9.29 -24.39
CA ILE A 158 9.77 -8.81 -24.44
C ILE A 158 9.80 -7.29 -24.33
N GLU A 159 8.85 -6.61 -24.98
CA GLU A 159 8.79 -5.16 -24.90
C GLU A 159 8.28 -4.70 -23.53
N LEU A 160 7.34 -5.44 -22.96
CA LEU A 160 6.78 -5.08 -21.66
C LEU A 160 7.82 -5.18 -20.56
N LEU A 161 8.78 -6.09 -20.72
CA LEU A 161 9.89 -6.17 -19.77
C LEU A 161 10.75 -4.92 -19.83
N ASP A 162 11.10 -4.47 -21.03
CA ASP A 162 11.87 -3.24 -21.18
C ASP A 162 11.07 -2.05 -20.67
N GLU A 163 9.76 -2.06 -20.89
CA GLU A 163 8.93 -0.98 -20.36
C GLU A 163 9.05 -0.90 -18.85
N VAL A 164 8.87 -2.04 -18.16
CA VAL A 164 9.06 -2.07 -16.71
C VAL A 164 10.47 -1.62 -16.36
N GLU A 165 11.47 -2.18 -17.03
CA GLU A 165 12.86 -1.88 -16.70
C GLU A 165 13.16 -0.39 -16.89
N THR A 166 12.85 0.15 -18.06
CA THR A 166 13.22 1.55 -18.30
C THR A 166 12.31 2.51 -17.53
N VAL A 167 11.01 2.30 -17.59
CA VAL A 167 10.10 3.25 -16.92
C VAL A 167 10.20 3.11 -15.40
N LEU A 168 10.05 1.89 -14.89
CA LEU A 168 10.01 1.67 -13.44
C LEU A 168 11.38 1.54 -12.80
N GLY A 169 12.43 1.31 -13.60
CA GLY A 169 13.80 1.39 -13.10
C GLY A 169 14.33 0.15 -12.43
N ILE A 170 13.52 -0.90 -12.34
CA ILE A 170 13.84 -2.10 -11.57
C ILE A 170 14.14 -3.24 -12.53
N GLN A 171 15.17 -4.02 -12.20
CA GLN A 171 15.57 -5.14 -13.03
C GLN A 171 14.44 -6.16 -13.12
N CYS A 172 14.37 -6.85 -14.26
CA CYS A 172 13.30 -7.80 -14.55
C CYS A 172 13.86 -9.19 -14.71
N ALA A 173 13.35 -10.12 -13.89
CA ALA A 173 13.75 -11.54 -13.95
C ALA A 173 12.48 -12.37 -14.02
N PRO A 174 11.98 -12.67 -15.22
CA PRO A 174 10.74 -13.43 -15.32
C PRO A 174 10.91 -14.83 -14.77
N VAL A 175 9.83 -15.37 -14.21
CA VAL A 175 9.82 -16.70 -13.63
C VAL A 175 8.87 -17.63 -14.37
N THR A 176 7.69 -17.15 -14.75
CA THR A 176 6.86 -17.81 -15.75
C THR A 176 6.87 -16.97 -17.02
N TRP A 177 6.49 -17.59 -18.14
CA TRP A 177 6.58 -16.97 -19.44
C TRP A 177 5.39 -17.45 -20.28
N PRO A 178 4.75 -16.55 -21.02
CA PRO A 178 3.53 -16.91 -21.73
C PRO A 178 3.79 -17.71 -23.00
N ILE A 179 2.71 -18.29 -23.52
CA ILE A 179 2.72 -18.99 -24.81
C ILE A 179 1.55 -18.39 -25.60
N GLY A 180 1.85 -17.43 -26.48
CA GLY A 180 0.80 -16.68 -27.13
C GLY A 180 0.11 -15.75 -26.15
N MET A 181 -1.08 -15.29 -26.57
CA MET A 181 -1.98 -14.53 -25.70
C MET A 181 -3.29 -14.34 -26.43
N GLY A 182 -4.30 -13.87 -25.70
CA GLY A 182 -5.59 -13.61 -26.30
C GLY A 182 -6.26 -14.88 -26.77
N GLN A 183 -6.87 -14.80 -27.96
CA GLN A 183 -7.46 -15.98 -28.56
C GLN A 183 -6.45 -17.11 -28.77
N ARG A 184 -5.16 -16.77 -28.85
CA ARG A 184 -4.12 -17.74 -29.15
C ARG A 184 -3.34 -18.19 -27.92
N LEU A 185 -3.82 -17.87 -26.71
CA LEU A 185 -3.07 -18.23 -25.50
C LEU A 185 -3.17 -19.73 -25.24
N LYS A 186 -2.02 -20.35 -24.99
CA LYS A 186 -1.95 -21.79 -24.76
C LYS A 186 -1.53 -22.16 -23.34
N GLY A 187 -0.75 -21.31 -22.67
CA GLY A 187 -0.34 -21.60 -21.31
C GLY A 187 0.94 -20.85 -20.99
N VAL A 188 1.44 -21.10 -19.78
CA VAL A 188 2.68 -20.49 -19.32
C VAL A 188 3.76 -21.56 -19.24
N VAL A 189 5.00 -21.12 -19.11
CA VAL A 189 6.15 -22.00 -18.93
C VAL A 189 6.96 -21.51 -17.75
N HIS A 190 7.15 -22.36 -16.75
CA HIS A 190 7.96 -22.00 -15.60
C HIS A 190 9.43 -22.03 -15.99
N LEU A 191 10.18 -21.04 -15.53
CA LEU A 191 11.56 -20.88 -15.94
C LEU A 191 12.55 -21.34 -14.87
N LEU A 192 12.07 -21.66 -13.67
CA LEU A 192 12.90 -22.32 -12.68
C LEU A 192 12.66 -23.82 -12.63
N THR A 193 11.40 -24.25 -12.49
CA THR A 193 11.08 -25.67 -12.44
C THR A 193 11.06 -26.33 -13.82
N GLY A 194 10.95 -25.55 -14.89
CA GLY A 194 10.84 -26.09 -16.22
C GLY A 194 9.47 -26.60 -16.60
N GLU A 195 8.51 -26.54 -15.68
CA GLU A 195 7.17 -27.06 -15.94
C GLU A 195 6.46 -26.19 -16.98
N VAL A 196 5.38 -26.75 -17.53
CA VAL A 196 4.64 -26.14 -18.63
C VAL A 196 3.15 -26.28 -18.32
N HIS A 197 2.60 -25.34 -17.56
CA HIS A 197 1.17 -25.35 -17.27
C HIS A 197 0.39 -24.97 -18.51
N LEU A 198 -0.76 -25.61 -18.72
CA LEU A 198 -1.57 -25.36 -19.89
C LEU A 198 -2.79 -24.50 -19.56
N TYR A 199 -3.19 -23.66 -20.51
CA TYR A 199 -4.37 -22.82 -20.41
C TYR A 199 -5.52 -23.53 -21.14
N GLU A 200 -6.58 -23.86 -20.41
CA GLU A 200 -7.68 -24.67 -20.95
C GLU A 200 -8.91 -24.48 -20.08
N PRO A 201 -10.11 -24.73 -20.62
CA PRO A 201 -11.34 -24.46 -19.88
C PRO A 201 -11.67 -25.58 -18.90
N GLY A 202 -12.74 -25.37 -18.14
CA GLY A 202 -13.23 -26.34 -17.18
C GLY A 202 -12.34 -26.57 -15.99
N ARG A 203 -11.25 -25.83 -15.84
CA ARG A 203 -10.28 -26.04 -14.78
C ARG A 203 -10.16 -24.80 -13.91
N ASN A 204 -9.94 -25.02 -12.61
CA ASN A 204 -9.68 -23.94 -11.68
C ASN A 204 -8.19 -23.68 -11.49
N PHE A 205 -7.34 -24.45 -12.15
CA PHE A 205 -5.88 -24.28 -12.13
C PHE A 205 -5.35 -24.29 -10.69
N THR A 206 -5.58 -25.41 -10.00
CA THR A 206 -5.07 -25.66 -8.65
C THR A 206 -4.05 -26.81 -8.70
N ARG A 207 -3.87 -27.49 -7.57
CA ARG A 207 -2.93 -28.61 -7.50
C ARG A 207 -3.38 -29.75 -8.40
N GLN A 208 -4.51 -30.39 -8.06
CA GLN A 208 -4.98 -31.52 -8.84
C GLN A 208 -5.77 -31.10 -10.09
N ASP A 209 -6.25 -29.85 -10.12
CA ASP A 209 -7.10 -29.37 -11.22
C ASP A 209 -6.29 -28.56 -12.23
N SER A 210 -5.22 -29.16 -12.77
CA SER A 210 -4.40 -28.49 -13.77
C SER A 210 -3.70 -29.54 -14.62
N THR A 211 -3.28 -29.12 -15.81
CA THR A 211 -2.51 -29.95 -16.73
C THR A 211 -1.10 -29.36 -16.78
N ILE A 212 -0.13 -30.09 -16.27
CA ILE A 212 1.23 -29.59 -16.10
C ILE A 212 2.20 -30.59 -16.71
N PHE A 213 2.88 -30.18 -17.80
CA PHE A 213 3.95 -31.01 -18.35
C PHE A 213 5.26 -30.72 -17.62
N PRO A 214 6.11 -31.74 -17.40
CA PRO A 214 7.32 -31.52 -16.59
C PRO A 214 8.46 -30.88 -17.34
N SER A 215 8.38 -30.76 -18.67
CA SER A 215 9.49 -30.20 -19.46
C SER A 215 8.98 -29.81 -20.83
N ILE A 216 9.71 -28.88 -21.46
CA ILE A 216 9.39 -28.45 -22.82
C ILE A 216 9.55 -29.60 -23.81
N ASP A 217 10.56 -30.43 -23.60
CA ASP A 217 10.87 -31.57 -24.46
C ASP A 217 10.01 -32.80 -24.18
N ALA A 218 9.03 -32.70 -23.29
CA ALA A 218 8.16 -33.82 -23.02
C ALA A 218 7.31 -34.15 -24.25
N PRO A 219 7.14 -35.43 -24.57
CA PRO A 219 6.37 -35.79 -25.77
C PRO A 219 4.93 -35.30 -25.70
N GLY A 220 4.30 -35.20 -26.87
CA GLY A 220 2.92 -34.78 -26.98
C GLY A 220 2.66 -33.30 -26.78
N LEU A 221 3.66 -32.53 -26.37
CA LEU A 221 3.46 -31.10 -26.15
C LEU A 221 3.06 -30.40 -27.44
N ALA A 222 3.80 -30.66 -28.52
CA ALA A 222 3.41 -30.11 -29.82
C ALA A 222 2.03 -30.62 -30.24
N GLU A 223 1.70 -31.86 -29.89
CA GLU A 223 0.35 -32.35 -30.15
C GLU A 223 -0.71 -31.59 -29.37
N LYS A 224 -0.32 -30.71 -28.46
CA LYS A 224 -1.27 -29.90 -27.69
C LYS A 224 -1.16 -28.41 -27.99
N ILE A 225 0.05 -27.85 -28.03
CA ILE A 225 0.19 -26.43 -28.31
C ILE A 225 0.51 -26.13 -29.78
N GLY A 226 0.57 -27.15 -30.62
CA GLY A 226 0.88 -26.93 -32.02
C GLY A 226 2.36 -26.85 -32.28
N ALA A 227 2.81 -27.48 -33.37
CA ALA A 227 4.25 -27.50 -33.67
C ALA A 227 4.78 -26.10 -33.94
N GLN A 228 3.97 -25.25 -34.59
CA GLN A 228 4.41 -23.89 -34.86
C GLN A 228 4.64 -23.11 -33.56
N MET A 229 3.70 -23.20 -32.63
CA MET A 229 3.81 -22.43 -31.40
C MET A 229 4.89 -22.98 -30.47
N LEU A 230 5.19 -24.29 -30.55
CA LEU A 230 6.30 -24.82 -29.76
C LEU A 230 7.63 -24.29 -30.27
N ALA A 231 7.78 -24.18 -31.59
CA ALA A 231 9.02 -23.69 -32.17
C ALA A 231 9.23 -22.22 -31.81
N ASP A 232 8.20 -21.39 -31.97
CA ASP A 232 8.30 -19.98 -31.60
C ASP A 232 8.58 -19.82 -30.11
N LEU A 233 8.16 -20.78 -29.30
CA LEU A 233 8.48 -20.73 -27.87
C LEU A 233 9.95 -21.05 -27.62
N ARG A 234 10.53 -21.98 -28.40
CA ARG A 234 11.96 -22.20 -28.32
C ARG A 234 12.73 -20.95 -28.73
N ASP A 235 12.22 -20.23 -29.72
CA ASP A 235 12.86 -18.99 -30.15
C ASP A 235 12.82 -17.94 -29.04
N GLU A 236 11.67 -17.76 -28.39
CA GLU A 236 11.56 -16.73 -27.38
C GLU A 236 12.42 -17.03 -26.16
N LEU A 237 12.52 -18.32 -25.79
CA LEU A 237 13.30 -18.67 -24.61
C LEU A 237 14.77 -18.39 -24.84
N GLU A 238 15.30 -18.79 -26.00
CA GLU A 238 16.71 -18.57 -26.30
C GLU A 238 17.06 -17.09 -26.16
N LEU A 239 16.14 -16.21 -26.53
CA LEU A 239 16.38 -14.78 -26.41
C LEU A 239 16.31 -14.33 -24.95
N VAL A 240 15.33 -14.83 -24.19
CA VAL A 240 15.21 -14.44 -22.79
C VAL A 240 16.37 -14.98 -21.98
N GLN A 241 16.86 -16.17 -22.32
CA GLN A 241 17.97 -16.76 -21.58
C GLN A 241 19.23 -15.92 -21.70
N GLY A 242 19.61 -15.57 -22.92
CA GLY A 242 20.81 -14.80 -23.18
C GLY A 242 20.66 -13.30 -23.08
N ALA A 243 19.55 -12.81 -22.54
CA ALA A 243 19.35 -11.36 -22.41
C ALA A 243 18.79 -11.00 -21.05
N SER A 244 17.66 -11.58 -20.68
CA SER A 244 17.06 -11.27 -19.39
C SER A 244 17.85 -11.92 -18.26
N HIS A 245 17.81 -11.30 -17.10
CA HIS A 245 18.61 -11.75 -15.96
C HIS A 245 17.84 -12.79 -15.16
N PRO A 246 18.53 -13.83 -14.66
CA PRO A 246 17.84 -14.85 -13.86
C PRO A 246 17.57 -14.35 -12.45
N PHE A 247 16.66 -15.04 -11.78
CA PHE A 247 16.19 -14.59 -10.46
C PHE A 247 17.30 -14.66 -9.43
N ASP A 248 17.65 -13.51 -8.85
CA ASP A 248 18.66 -13.41 -7.80
C ASP A 248 17.95 -12.93 -6.54
N LEU A 249 17.73 -13.86 -5.61
CA LEU A 249 16.98 -13.55 -4.40
C LEU A 249 17.62 -12.40 -3.64
N GLU A 250 18.95 -12.34 -3.62
CA GLU A 250 19.62 -11.22 -2.95
C GLU A 250 19.21 -9.90 -3.58
N ALA A 251 19.12 -9.86 -4.91
CA ALA A 251 18.66 -8.66 -5.59
C ALA A 251 17.22 -8.35 -5.24
N TYR A 252 16.31 -9.31 -5.44
CA TYR A 252 14.90 -9.10 -5.12
C TYR A 252 14.71 -8.58 -3.71
N ARG A 253 15.54 -9.05 -2.76
CA ARG A 253 15.33 -8.66 -1.38
C ARG A 253 15.70 -7.20 -1.17
N ALA A 254 16.75 -6.73 -1.84
CA ALA A 254 17.21 -5.36 -1.75
C ALA A 254 16.36 -4.38 -2.57
N GLY A 255 15.25 -4.83 -3.12
CA GLY A 255 14.41 -3.99 -3.94
C GLY A 255 14.98 -3.63 -5.29
N LYS A 256 15.95 -4.42 -5.78
CA LYS A 256 16.60 -4.12 -7.06
C LYS A 256 16.18 -5.07 -8.18
N GLN A 257 15.21 -5.95 -7.94
CA GLN A 257 14.78 -6.89 -8.96
C GLN A 257 13.41 -7.46 -8.60
N THR A 258 12.63 -7.77 -9.63
CA THR A 258 11.27 -8.28 -9.46
C THR A 258 11.09 -9.51 -10.33
N PRO A 259 10.73 -10.65 -9.75
CA PRO A 259 10.36 -11.80 -10.57
C PRO A 259 9.00 -11.57 -11.23
N VAL A 260 8.91 -11.91 -12.50
CA VAL A 260 7.73 -11.60 -13.31
C VAL A 260 6.92 -12.87 -13.54
N PHE A 261 5.60 -12.75 -13.42
CA PHE A 261 4.65 -13.81 -13.72
C PHE A 261 3.58 -13.31 -14.67
N PHE A 262 3.16 -14.17 -15.60
CA PHE A 262 2.08 -13.90 -16.52
C PHE A 262 0.90 -14.82 -16.23
N GLY A 263 -0.30 -14.27 -16.24
CA GLY A 263 -1.49 -15.07 -16.03
C GLY A 263 -2.75 -14.42 -16.54
N SER A 264 -3.90 -14.90 -16.01
CA SER A 264 -5.23 -14.48 -16.41
C SER A 264 -6.16 -14.57 -15.18
N GLY A 265 -5.95 -13.64 -14.24
CA GLY A 265 -6.62 -13.71 -12.94
C GLY A 265 -8.11 -14.03 -12.99
N VAL A 266 -8.82 -13.54 -14.01
CA VAL A 266 -10.27 -13.75 -14.08
C VAL A 266 -10.59 -15.25 -14.16
N ASN A 267 -9.65 -16.05 -14.68
CA ASN A 267 -9.81 -17.49 -14.75
C ASN A 267 -8.92 -18.22 -13.77
N ASN A 268 -8.33 -17.52 -12.80
CA ASN A 268 -7.39 -18.06 -11.82
C ASN A 268 -6.13 -18.66 -12.46
N PHE A 269 -6.00 -18.58 -13.79
CA PHE A 269 -4.83 -19.13 -14.46
C PHE A 269 -3.56 -18.42 -14.05
N GLY A 270 -2.48 -19.19 -13.89
CA GLY A 270 -1.18 -18.65 -13.53
C GLY A 270 -1.10 -18.06 -12.15
N VAL A 271 -2.22 -18.00 -11.42
CA VAL A 271 -2.25 -17.37 -10.10
C VAL A 271 -1.46 -18.17 -9.09
N GLN A 272 -1.71 -19.49 -9.03
CA GLN A 272 -1.11 -20.31 -7.98
C GLN A 272 0.42 -20.35 -8.05
N PRO A 273 1.06 -20.60 -9.20
CA PRO A 273 2.53 -20.48 -9.25
C PRO A 273 3.06 -19.22 -8.61
N LEU A 274 2.42 -18.08 -8.89
CA LEU A 274 2.78 -16.83 -8.25
C LEU A 274 2.65 -16.94 -6.72
N LEU A 275 1.54 -17.50 -6.24
CA LEU A 275 1.31 -17.56 -4.79
C LEU A 275 2.31 -18.48 -4.12
N ASP A 276 2.59 -19.64 -4.72
CA ASP A 276 3.58 -20.53 -4.16
C ASP A 276 4.96 -19.88 -4.16
N PHE A 277 5.34 -19.24 -5.28
CA PHE A 277 6.62 -18.55 -5.32
C PHE A 277 6.67 -17.43 -4.29
N PHE A 278 5.57 -16.67 -4.17
CA PHE A 278 5.52 -15.56 -3.22
C PHE A 278 5.80 -16.01 -1.79
N VAL A 279 5.02 -16.98 -1.29
CA VAL A 279 5.20 -17.42 0.09
C VAL A 279 6.56 -18.07 0.32
N GLU A 280 7.21 -18.55 -0.73
CA GLU A 280 8.52 -19.15 -0.55
C GLU A 280 9.61 -18.10 -0.35
N HIS A 281 9.57 -17.02 -1.13
CA HIS A 281 10.67 -16.08 -1.23
C HIS A 281 10.40 -14.71 -0.61
N ALA A 282 9.15 -14.24 -0.61
CA ALA A 282 8.83 -12.95 -0.02
C ALA A 282 9.32 -12.87 1.43
N PRO A 283 9.76 -11.70 1.88
CA PRO A 283 10.46 -11.62 3.16
C PRO A 283 9.51 -11.76 4.35
N SER A 284 10.03 -12.38 5.39
CA SER A 284 9.37 -12.39 6.68
C SER A 284 9.60 -11.04 7.36
N PRO A 285 8.78 -10.69 8.35
CA PRO A 285 8.97 -9.44 9.08
C PRO A 285 10.42 -9.20 9.45
N GLN A 286 10.88 -7.97 9.20
CA GLN A 286 12.27 -7.57 9.33
C GLN A 286 12.41 -6.52 10.45
N ALA A 287 13.64 -6.07 10.65
CA ALA A 287 13.91 -5.05 11.66
C ALA A 287 13.59 -3.67 11.11
N ARG A 288 12.62 -2.99 11.73
CA ARG A 288 12.35 -1.60 11.45
C ARG A 288 13.31 -0.73 12.27
N SER A 289 13.23 0.59 12.09
CA SER A 289 14.11 1.51 12.78
C SER A 289 13.32 2.43 13.71
N THR A 290 13.98 2.88 14.77
CA THR A 290 13.41 3.83 15.71
C THR A 290 14.35 5.02 15.85
N THR A 291 14.00 5.93 16.75
CA THR A 291 14.81 7.13 16.98
C THR A 291 16.26 6.78 17.30
N GLY A 292 16.54 5.54 17.67
CA GLY A 292 17.91 5.12 17.88
C GLY A 292 18.17 3.69 17.47
N ARG A 293 17.93 2.76 18.39
CA ARG A 293 18.28 1.37 18.16
C ARG A 293 17.32 0.73 17.15
N GLU A 294 17.78 -0.37 16.55
CA GLU A 294 16.97 -1.16 15.64
C GLU A 294 16.16 -2.17 16.45
N ILE A 295 14.91 -2.36 16.05
CA ILE A 295 13.98 -3.24 16.77
C ILE A 295 13.70 -4.44 15.87
N ALA A 296 14.27 -5.59 16.25
CA ALA A 296 14.13 -6.85 15.54
C ALA A 296 12.80 -7.51 15.88
N PRO A 297 12.29 -8.39 15.00
CA PRO A 297 10.95 -8.95 15.23
C PRO A 297 10.91 -10.04 16.29
N GLU A 298 12.06 -10.50 16.79
CA GLU A 298 12.12 -11.62 17.72
C GLU A 298 12.12 -11.20 19.18
N GLU A 299 11.84 -9.93 19.47
CA GLU A 299 11.92 -9.43 20.84
C GLU A 299 10.67 -9.82 21.63
N ASN A 300 10.86 -10.00 22.94
CA ASN A 300 9.81 -10.57 23.78
C ASN A 300 8.66 -9.58 23.97
N LYS A 301 8.97 -8.32 24.27
CA LYS A 301 7.93 -7.32 24.45
C LYS A 301 7.25 -7.00 23.13
N LEU A 302 6.01 -6.52 23.22
CA LEU A 302 5.24 -6.14 22.06
C LEU A 302 5.56 -4.70 21.63
N THR A 303 5.80 -4.51 20.33
CA THR A 303 6.02 -3.19 19.76
C THR A 303 5.27 -3.08 18.44
N GLY A 304 5.06 -1.85 18.00
CA GLY A 304 4.42 -1.58 16.73
C GLY A 304 3.98 -0.14 16.62
N PHE A 305 3.70 0.29 15.38
CA PHE A 305 3.37 1.67 15.09
C PHE A 305 2.01 1.78 14.41
N VAL A 306 1.29 2.85 14.74
CA VAL A 306 0.02 3.15 14.11
C VAL A 306 0.28 3.91 12.81
N PHE A 307 -0.27 3.40 11.71
CA PHE A 307 0.00 3.92 10.40
C PHE A 307 -1.25 4.37 9.65
N LYS A 308 -2.43 4.14 10.20
CA LYS A 308 -3.69 4.44 9.54
C LYS A 308 -4.76 4.58 10.62
N ILE A 309 -5.68 5.52 10.42
CA ILE A 309 -6.80 5.74 11.33
C ILE A 309 -8.05 5.93 10.48
N GLN A 310 -9.07 5.12 10.74
CA GLN A 310 -10.28 5.14 9.94
C GLN A 310 -11.48 5.02 10.86
N ALA A 311 -12.66 5.18 10.27
CA ALA A 311 -13.90 4.94 10.98
C ALA A 311 -14.27 3.47 10.86
N ASN A 312 -14.68 2.88 11.96
CA ASN A 312 -15.13 1.50 12.02
C ASN A 312 -16.65 1.47 11.97
N MET A 313 -17.21 0.60 11.13
CA MET A 313 -18.64 0.61 10.86
C MET A 313 -19.45 0.58 12.16
N ASP A 314 -20.15 1.67 12.46
CA ASP A 314 -20.76 1.87 13.76
C ASP A 314 -22.15 2.49 13.65
N PRO A 315 -23.19 1.83 14.17
CA PRO A 315 -24.50 2.48 14.25
C PRO A 315 -24.49 3.74 15.10
N GLN A 316 -23.58 3.83 16.06
CA GLN A 316 -23.44 5.04 16.87
C GLN A 316 -22.67 6.15 16.17
N HIS A 317 -22.13 5.87 14.99
CA HIS A 317 -21.42 6.87 14.18
C HIS A 317 -20.32 7.56 15.00
N ARG A 318 -19.70 6.83 15.92
CA ARG A 318 -18.68 7.43 16.77
C ARG A 318 -17.41 6.59 16.90
N ASP A 319 -17.37 5.38 16.36
CA ASP A 319 -16.21 4.52 16.54
C ASP A 319 -15.16 4.83 15.49
N ARG A 320 -13.95 5.14 15.94
CA ARG A 320 -12.78 5.21 15.08
C ARG A 320 -11.78 4.17 15.54
N VAL A 321 -11.13 3.51 14.58
CA VAL A 321 -10.17 2.45 14.87
C VAL A 321 -8.84 2.82 14.24
N ALA A 322 -7.82 2.98 15.06
CA ALA A 322 -6.46 3.15 14.56
C ALA A 322 -5.85 1.80 14.24
N PHE A 323 -5.20 1.71 13.09
CA PHE A 323 -4.60 0.46 12.62
C PHE A 323 -3.14 0.41 13.02
N MET A 324 -2.72 -0.72 13.59
CA MET A 324 -1.37 -0.88 14.12
C MET A 324 -0.74 -2.17 13.64
N ARG A 325 0.44 -2.06 13.04
CA ARG A 325 1.24 -3.22 12.66
C ARG A 325 2.16 -3.61 13.81
N VAL A 326 2.23 -4.91 14.05
CA VAL A 326 3.02 -5.47 15.14
C VAL A 326 4.43 -5.76 14.64
N CYS A 327 5.44 -5.30 15.39
CA CYS A 327 6.83 -5.45 14.99
C CYS A 327 7.67 -6.32 15.93
N SER A 328 7.15 -6.68 17.09
CA SER A 328 7.82 -7.64 17.96
C SER A 328 6.81 -8.17 18.96
N GLY A 329 7.22 -9.21 19.70
CA GLY A 329 6.38 -9.74 20.75
C GLY A 329 5.06 -10.32 20.24
N ARG A 330 4.16 -10.54 21.19
CA ARG A 330 2.86 -11.15 20.92
C ARG A 330 1.76 -10.26 21.48
N PHE A 331 0.73 -10.02 20.68
CA PHE A 331 -0.48 -9.38 21.19
C PHE A 331 -1.45 -10.43 21.69
N SER A 332 -2.11 -10.13 22.80
CA SER A 332 -3.16 -10.97 23.32
C SER A 332 -4.30 -10.07 23.78
N ALA A 333 -5.53 -10.52 23.52
CA ALA A 333 -6.72 -9.71 23.79
C ALA A 333 -6.73 -9.21 25.23
N GLY A 334 -6.63 -7.90 25.40
CA GLY A 334 -6.69 -7.30 26.72
C GLY A 334 -5.38 -7.27 27.48
N MET A 335 -4.29 -6.95 26.81
CA MET A 335 -3.00 -6.78 27.46
C MET A 335 -2.74 -5.29 27.71
N LYS A 336 -2.04 -5.01 28.81
CA LYS A 336 -1.63 -3.64 29.08
C LYS A 336 -0.53 -3.23 28.11
N THR A 337 -0.75 -2.13 27.40
CA THR A 337 0.24 -1.55 26.52
C THR A 337 0.71 -0.20 27.06
N PHE A 338 1.75 0.33 26.43
CA PHE A 338 2.41 1.56 26.85
C PHE A 338 2.40 2.55 25.68
N HIS A 339 1.50 3.53 25.73
CA HIS A 339 1.41 4.54 24.69
C HIS A 339 2.55 5.54 24.90
N VAL A 340 3.64 5.37 24.12
CA VAL A 340 4.88 6.09 24.39
C VAL A 340 4.62 7.59 24.44
N ARG A 341 3.82 8.11 23.51
CA ARG A 341 3.50 9.53 23.45
C ARG A 341 2.77 9.98 24.72
N THR A 342 1.50 9.58 24.88
CA THR A 342 0.74 10.01 26.06
C THR A 342 1.34 9.53 27.37
N GLY A 343 2.09 8.43 27.34
CA GLY A 343 2.69 7.87 28.53
C GLY A 343 1.74 7.04 29.38
N LYS A 344 0.45 7.05 29.08
CA LYS A 344 -0.51 6.31 29.89
C LYS A 344 -0.55 4.84 29.49
N GLU A 345 -0.67 3.97 30.49
CA GLU A 345 -0.95 2.57 30.21
C GLU A 345 -2.28 2.48 29.47
N MET A 346 -2.28 1.80 28.33
CA MET A 346 -3.49 1.60 27.54
C MET A 346 -3.78 0.11 27.48
N LYS A 347 -5.02 -0.26 27.78
CA LYS A 347 -5.49 -1.64 27.68
C LYS A 347 -6.20 -1.80 26.35
N LEU A 348 -5.62 -2.59 25.45
CA LEU A 348 -6.24 -2.82 24.15
C LEU A 348 -7.47 -3.70 24.35
N ALA A 349 -8.63 -3.06 24.48
CA ALA A 349 -9.87 -3.75 24.77
C ALA A 349 -10.70 -3.87 23.51
N ASN A 350 -11.27 -5.06 23.30
CA ASN A 350 -12.12 -5.38 22.15
C ASN A 350 -11.43 -5.07 20.82
N ALA A 351 -10.10 -5.04 20.80
CA ALA A 351 -9.35 -4.71 19.61
C ALA A 351 -9.62 -5.73 18.50
N LEU A 352 -9.25 -5.35 17.28
CA LEU A 352 -9.63 -6.09 16.07
C LEU A 352 -8.45 -6.91 15.54
N THR A 353 -8.69 -8.21 15.35
CA THR A 353 -7.86 -9.09 14.55
C THR A 353 -8.55 -9.35 13.21
N PHE A 354 -7.79 -9.85 12.24
CA PHE A 354 -8.32 -9.98 10.88
C PHE A 354 -8.03 -11.34 10.29
N MET A 355 -8.23 -12.40 11.06
CA MET A 355 -8.17 -13.76 10.52
C MET A 355 -9.46 -13.99 9.74
N ALA A 356 -9.38 -13.81 8.43
CA ALA A 356 -10.53 -14.01 7.54
C ALA A 356 -10.51 -15.46 7.07
N SER A 357 -11.26 -16.32 7.77
CA SER A 357 -11.39 -17.71 7.38
C SER A 357 -12.63 -18.26 8.07
N ASP A 358 -13.35 -19.12 7.35
CA ASP A 358 -14.65 -19.59 7.83
C ASP A 358 -14.52 -20.52 9.03
N ARG A 359 -13.44 -21.27 9.12
CA ARG A 359 -13.18 -22.12 10.27
C ARG A 359 -12.18 -21.52 11.23
N GLU A 360 -11.09 -20.95 10.72
CA GLU A 360 -10.05 -20.39 11.57
C GLU A 360 -10.57 -19.15 12.32
N ILE A 361 -10.21 -19.06 13.60
CA ILE A 361 -10.56 -17.93 14.44
C ILE A 361 -9.51 -17.83 15.54
N ALA A 362 -8.81 -16.70 15.59
CA ALA A 362 -7.65 -16.54 16.46
C ALA A 362 -7.72 -15.22 17.20
N ALA A 363 -7.49 -15.26 18.52
CA ALA A 363 -7.61 -14.09 19.38
C ALA A 363 -6.28 -13.41 19.67
N GLU A 364 -5.21 -13.78 18.97
CA GLU A 364 -3.90 -13.17 19.17
C GLU A 364 -3.30 -12.78 17.84
N ALA A 365 -2.20 -12.02 17.90
CA ALA A 365 -1.52 -11.53 16.71
C ALA A 365 -0.02 -11.47 16.94
N TRP A 366 0.75 -11.76 15.89
CA TRP A 366 2.19 -11.95 15.93
C TRP A 366 2.91 -10.94 15.04
N PRO A 367 4.26 -10.77 15.19
CA PRO A 367 4.99 -9.80 14.36
C PRO A 367 4.75 -9.94 12.86
N GLY A 368 4.25 -8.87 12.25
CA GLY A 368 3.83 -8.85 10.87
C GLY A 368 2.33 -8.65 10.69
N ASP A 369 1.54 -9.06 11.68
CA ASP A 369 0.09 -8.88 11.64
C ASP A 369 -0.28 -7.41 11.87
N VAL A 370 -1.57 -7.11 11.77
CA VAL A 370 -2.11 -5.81 12.09
C VAL A 370 -3.21 -5.98 13.13
N ILE A 371 -3.25 -5.11 14.13
CA ILE A 371 -4.33 -5.10 15.10
C ILE A 371 -5.10 -3.79 14.96
N GLY A 372 -6.37 -3.81 15.36
CA GLY A 372 -7.19 -2.64 15.29
C GLY A 372 -7.53 -2.06 16.66
N ILE A 373 -6.82 -1.01 17.07
CA ILE A 373 -7.06 -0.39 18.38
C ILE A 373 -8.22 0.58 18.23
N HIS A 374 -9.32 0.29 18.93
CA HIS A 374 -10.44 1.23 18.94
C HIS A 374 -9.99 2.56 19.54
N ASN A 375 -9.94 3.59 18.70
CA ASN A 375 -9.43 4.89 19.10
C ASN A 375 -10.55 5.75 19.67
N HIS A 376 -10.25 6.43 20.78
CA HIS A 376 -11.19 7.32 21.42
C HIS A 376 -10.81 8.79 21.26
N GLY A 377 -9.74 9.10 20.53
CA GLY A 377 -9.40 10.47 20.23
C GLY A 377 -7.96 10.88 20.47
N THR A 378 -7.23 10.11 21.27
CA THR A 378 -5.86 10.47 21.64
C THR A 378 -4.81 9.70 20.87
N ILE A 379 -5.19 8.84 19.93
CA ILE A 379 -4.24 8.16 19.07
C ILE A 379 -4.13 8.93 17.77
N SER A 380 -2.90 9.25 17.37
CA SER A 380 -2.61 9.89 16.10
C SER A 380 -1.64 9.04 15.31
N ILE A 381 -1.44 9.40 14.05
CA ILE A 381 -0.65 8.59 13.14
C ILE A 381 0.80 8.55 13.61
N GLY A 382 1.42 7.37 13.52
CA GLY A 382 2.78 7.16 13.95
C GLY A 382 2.95 6.87 15.41
N ASP A 383 1.86 6.85 16.18
CA ASP A 383 1.97 6.57 17.60
C ASP A 383 2.54 5.18 17.82
N THR A 384 3.55 5.11 18.69
CA THR A 384 4.27 3.87 18.97
C THR A 384 3.74 3.27 20.27
N PHE A 385 3.26 2.04 20.21
CA PHE A 385 2.81 1.29 21.38
C PHE A 385 3.87 0.26 21.76
N THR A 386 4.21 0.21 23.05
CA THR A 386 5.13 -0.79 23.59
C THR A 386 4.57 -1.34 24.89
N GLU A 387 5.42 -2.03 25.65
CA GLU A 387 5.08 -2.56 26.96
C GLU A 387 5.70 -1.75 28.09
N GLY A 388 6.52 -0.75 27.78
CA GLY A 388 7.12 0.10 28.77
C GLY A 388 8.42 0.73 28.33
N GLU A 389 8.95 0.28 27.19
CA GLU A 389 10.23 0.80 26.70
C GLU A 389 10.00 2.13 25.98
N ALA A 390 10.65 3.18 26.46
CA ALA A 390 10.64 4.45 25.75
C ALA A 390 11.37 4.30 24.44
N VAL A 391 10.63 3.95 23.38
CA VAL A 391 11.17 3.90 22.03
C VAL A 391 10.10 4.44 21.07
N THR A 392 10.56 5.08 20.00
CA THR A 392 9.66 5.74 19.05
C THR A 392 10.06 5.35 17.64
N PHE A 393 9.16 4.66 16.93
CA PHE A 393 9.44 4.22 15.57
C PHE A 393 9.62 5.42 14.65
N THR A 394 10.58 5.31 13.74
CA THR A 394 10.75 6.23 12.63
C THR A 394 10.38 5.54 11.34
N GLY A 395 10.35 6.32 10.25
CA GLY A 395 10.04 5.82 8.93
C GLY A 395 8.60 5.95 8.50
N ILE A 396 7.72 6.49 9.34
CA ILE A 396 6.31 6.64 9.02
C ILE A 396 6.13 8.01 8.34
N PRO A 397 5.92 8.05 7.03
CA PRO A 397 5.94 9.34 6.35
C PRO A 397 4.55 9.95 6.15
N ASN A 398 4.52 11.29 6.10
CA ASN A 398 3.41 12.03 5.53
C ASN A 398 3.75 12.33 4.08
N PHE A 399 2.74 12.29 3.22
CA PHE A 399 2.98 12.35 1.79
C PHE A 399 2.56 13.70 1.21
N ALA A 400 3.30 14.16 0.22
CA ALA A 400 3.00 15.41 -0.46
C ALA A 400 1.59 15.35 -1.03
N PRO A 401 0.69 16.24 -0.63
CA PRO A 401 -0.67 16.23 -1.19
C PRO A 401 -0.68 16.51 -2.68
N GLU A 402 -1.82 16.20 -3.29
CA GLU A 402 -2.01 16.37 -4.73
C GLU A 402 -3.40 16.94 -5.03
N LEU A 403 -4.14 17.36 -4.00
CA LEU A 403 -5.43 18.03 -4.18
C LEU A 403 -5.54 19.10 -3.09
N PHE A 404 -5.58 20.36 -3.47
CA PHE A 404 -5.59 21.43 -2.48
C PHE A 404 -6.88 22.22 -2.59
N ARG A 405 -7.41 22.63 -1.44
CA ARG A 405 -8.62 23.43 -1.36
C ARG A 405 -8.54 24.32 -0.14
N ARG A 406 -9.16 25.49 -0.22
CA ARG A 406 -9.19 26.47 0.85
C ARG A 406 -10.47 26.31 1.67
N ALA A 407 -10.39 26.68 2.95
CA ALA A 407 -11.52 26.57 3.85
C ALA A 407 -12.48 27.73 3.65
N ARG A 408 -13.78 27.42 3.65
CA ARG A 408 -14.84 28.38 3.32
C ARG A 408 -15.92 28.31 4.41
N LEU A 409 -15.89 29.24 5.35
CA LEU A 409 -16.74 29.21 6.53
C LEU A 409 -17.82 30.26 6.41
N ARG A 410 -19.08 29.83 6.54
CA ARG A 410 -20.21 30.75 6.42
C ARG A 410 -20.31 31.66 7.64
N ASP A 411 -20.22 31.09 8.83
CA ASP A 411 -20.24 31.89 10.06
C ASP A 411 -18.83 32.06 10.56
N PRO A 412 -18.26 33.27 10.54
CA PRO A 412 -16.85 33.44 10.92
C PRO A 412 -16.58 33.25 12.41
N LEU A 413 -17.62 33.17 13.25
CA LEU A 413 -17.41 32.99 14.68
C LEU A 413 -16.87 31.61 15.04
N LYS A 414 -16.56 30.77 14.05
CA LYS A 414 -16.06 29.42 14.29
C LYS A 414 -14.61 29.25 13.81
N LEU A 415 -13.86 30.33 13.68
CA LEU A 415 -12.47 30.20 13.28
C LEU A 415 -11.64 29.55 14.37
N LYS A 416 -11.87 29.95 15.63
CA LYS A 416 -11.22 29.29 16.75
C LYS A 416 -11.47 27.79 16.71
N GLN A 417 -12.73 27.38 16.54
CA GLN A 417 -13.05 25.97 16.54
C GLN A 417 -12.73 25.29 15.22
N LEU A 418 -12.63 26.03 14.12
CA LEU A 418 -12.24 25.39 12.86
C LEU A 418 -10.79 24.94 12.91
N GLN A 419 -9.87 25.85 13.25
CA GLN A 419 -8.47 25.48 13.34
C GLN A 419 -8.24 24.42 14.42
N LYS A 420 -9.08 24.40 15.47
CA LYS A 420 -9.00 23.34 16.46
C LYS A 420 -9.33 21.99 15.84
N GLY A 421 -10.43 21.92 15.10
CA GLY A 421 -10.78 20.68 14.43
C GLY A 421 -9.79 20.30 13.35
N LEU A 422 -9.32 21.29 12.58
CA LEU A 422 -8.45 21.00 11.44
C LEU A 422 -7.12 20.41 11.91
N ALA A 423 -6.48 21.06 12.89
CA ALA A 423 -5.19 20.57 13.36
C ALA A 423 -5.28 19.15 13.91
N GLN A 424 -6.43 18.80 14.51
CA GLN A 424 -6.59 17.43 15.02
C GLN A 424 -6.84 16.45 13.89
N LEU A 425 -7.59 16.85 12.87
CA LEU A 425 -7.72 16.00 11.69
C LEU A 425 -6.37 15.74 11.04
N SER A 426 -5.40 16.62 11.27
CA SER A 426 -4.06 16.38 10.74
C SER A 426 -3.36 15.28 11.52
N GLU A 427 -3.54 15.26 12.84
CA GLU A 427 -2.94 14.21 13.67
C GLU A 427 -3.45 12.84 13.26
N GLU A 428 -4.76 12.70 13.10
CA GLU A 428 -5.38 11.42 12.77
C GLU A 428 -5.29 11.09 11.28
N GLY A 429 -4.51 11.85 10.50
CA GLY A 429 -4.31 11.56 9.10
C GLY A 429 -5.52 11.81 8.21
N ALA A 430 -6.48 12.63 8.65
CA ALA A 430 -7.62 12.94 7.80
C ALA A 430 -7.20 13.78 6.62
N THR A 431 -6.31 14.74 6.86
CA THR A 431 -5.94 15.75 5.89
C THR A 431 -4.82 16.59 6.45
N GLN A 432 -4.01 17.14 5.57
CA GLN A 432 -2.98 18.09 5.95
C GLN A 432 -3.51 19.51 5.82
N PHE A 433 -2.91 20.41 6.58
CA PHE A 433 -3.52 21.70 6.90
C PHE A 433 -2.42 22.74 6.86
N PHE A 434 -2.56 23.70 5.94
CA PHE A 434 -1.47 24.61 5.58
C PHE A 434 -1.87 26.05 5.80
N ARG A 435 -1.03 26.78 6.54
CA ARG A 435 -1.24 28.18 6.84
C ARG A 435 -0.22 29.02 6.08
N PRO A 436 -0.62 29.73 5.02
CA PRO A 436 0.36 30.51 4.25
C PRO A 436 0.94 31.65 5.07
N LEU A 437 2.22 31.93 4.80
CA LEU A 437 2.94 32.93 5.59
C LEU A 437 2.31 34.31 5.47
N THR A 438 1.58 34.57 4.40
CA THR A 438 1.10 35.90 4.05
C THR A 438 -0.42 35.93 3.90
N SER A 439 -1.10 35.21 4.77
CA SER A 439 -2.53 35.00 4.65
C SER A 439 -3.03 34.24 5.87
N ASN A 440 -4.29 34.48 6.22
CA ASN A 440 -4.99 33.67 7.21
C ASN A 440 -5.84 32.58 6.56
N ASP A 441 -5.67 32.35 5.25
CA ASP A 441 -6.35 31.25 4.59
C ASP A 441 -5.88 29.95 5.20
N LEU A 442 -6.70 28.92 5.06
CA LEU A 442 -6.38 27.59 5.58
C LEU A 442 -6.56 26.62 4.42
N ILE A 443 -5.47 25.99 3.98
CA ILE A 443 -5.48 25.20 2.76
C ILE A 443 -5.31 23.73 3.15
N LEU A 444 -6.22 22.89 2.69
CA LEU A 444 -6.26 21.49 3.04
C LEU A 444 -5.69 20.67 1.88
N GLY A 445 -4.56 20.04 2.12
CA GLY A 445 -3.99 19.10 1.16
C GLY A 445 -4.50 17.69 1.39
N ALA A 446 -4.88 17.03 0.30
CA ALA A 446 -5.32 15.63 0.35
C ALA A 446 -4.64 14.88 -0.77
N VAL A 447 -4.86 13.55 -0.78
CA VAL A 447 -4.40 12.71 -1.86
C VAL A 447 -5.55 12.23 -2.73
N GLY A 448 -6.72 12.04 -2.14
CA GLY A 448 -7.90 11.67 -2.90
C GLY A 448 -9.05 12.58 -2.56
N VAL A 449 -9.98 12.70 -3.52
CA VAL A 449 -11.13 13.59 -3.37
C VAL A 449 -11.90 13.31 -2.09
N LEU A 450 -11.88 12.05 -1.64
CA LEU A 450 -12.77 11.63 -0.57
C LEU A 450 -12.41 12.28 0.76
N GLN A 451 -11.12 12.50 1.01
CA GLN A 451 -10.69 13.12 2.26
C GLN A 451 -11.39 14.45 2.52
N PHE A 452 -11.83 15.14 1.46
CA PHE A 452 -12.49 16.43 1.64
C PHE A 452 -13.91 16.25 2.17
N ASP A 453 -14.70 15.37 1.54
CA ASP A 453 -16.03 15.08 2.08
C ASP A 453 -15.96 14.57 3.51
N VAL A 454 -14.88 13.87 3.86
CA VAL A 454 -14.76 13.31 5.21
C VAL A 454 -14.52 14.42 6.23
N ALA A 455 -13.53 15.28 5.97
CA ALA A 455 -13.29 16.40 6.89
C ALA A 455 -14.52 17.29 6.99
N ALA A 456 -15.32 17.34 5.92
CA ALA A 456 -16.58 18.07 5.95
C ALA A 456 -17.49 17.54 7.05
N TYR A 457 -17.87 16.26 6.94
CA TYR A 457 -18.76 15.64 7.93
C TYR A 457 -18.13 15.68 9.33
N ARG A 458 -16.84 15.37 9.43
CA ARG A 458 -16.23 15.26 10.75
C ARG A 458 -16.16 16.60 11.46
N LEU A 459 -15.87 17.68 10.72
CA LEU A 459 -15.84 19.00 11.34
C LEU A 459 -17.25 19.43 11.75
N LYS A 460 -18.26 19.10 10.95
CA LYS A 460 -19.63 19.41 11.32
C LYS A 460 -20.11 18.56 12.48
N ASP A 461 -19.90 17.23 12.39
CA ASP A 461 -20.41 16.33 13.41
C ASP A 461 -19.66 16.50 14.73
N GLU A 462 -18.33 16.39 14.69
CA GLU A 462 -17.55 16.43 15.93
C GLU A 462 -17.42 17.87 16.44
N TYR A 463 -16.93 18.78 15.59
CA TYR A 463 -16.62 20.13 16.04
C TYR A 463 -17.74 21.13 15.80
N GLY A 464 -18.74 20.80 15.00
CA GLY A 464 -19.86 21.71 14.81
C GLY A 464 -19.52 22.89 13.92
N VAL A 465 -18.70 22.68 12.91
CA VAL A 465 -18.20 23.73 12.04
C VAL A 465 -18.66 23.39 10.64
N GLU A 466 -19.82 23.91 10.25
CA GLU A 466 -20.29 23.78 8.88
C GLU A 466 -19.35 24.56 7.96
N ALA A 467 -18.60 23.87 7.11
CA ALA A 467 -17.56 24.50 6.29
C ALA A 467 -17.59 23.92 4.89
N THR A 468 -16.79 24.52 4.00
CA THR A 468 -16.71 24.16 2.59
C THR A 468 -15.27 24.29 2.14
N PHE A 469 -14.93 23.61 1.04
CA PHE A 469 -13.59 23.58 0.51
C PHE A 469 -13.62 23.90 -0.98
N GLU A 470 -13.21 25.16 -1.35
CA GLU A 470 -13.13 25.63 -2.74
C GLU A 470 -11.70 25.46 -3.25
N PRO A 471 -11.51 25.06 -4.52
CA PRO A 471 -10.16 24.72 -4.97
C PRO A 471 -9.31 25.96 -5.22
N VAL A 472 -8.01 25.78 -5.04
CA VAL A 472 -7.06 26.88 -5.16
C VAL A 472 -6.05 26.58 -6.25
N SER A 473 -5.15 27.53 -6.50
CA SER A 473 -4.13 27.37 -7.53
C SER A 473 -2.88 26.73 -6.93
N VAL A 474 -3.07 25.54 -6.35
CA VAL A 474 -1.98 24.75 -5.78
C VAL A 474 -2.06 23.33 -6.32
N THR A 475 -0.95 22.85 -6.87
CA THR A 475 -0.90 21.53 -7.47
C THR A 475 -0.07 20.56 -6.63
N THR A 476 1.20 20.86 -6.38
CA THR A 476 2.06 19.98 -5.60
C THR A 476 2.69 20.77 -4.46
N ALA A 477 3.18 20.03 -3.47
CA ALA A 477 3.81 20.63 -2.30
C ALA A 477 5.12 19.91 -1.97
N ARG A 478 6.07 20.66 -1.45
CA ARG A 478 7.38 20.13 -1.05
C ARG A 478 7.76 20.68 0.31
N TRP A 479 8.33 19.81 1.15
CA TRP A 479 8.86 20.24 2.42
C TRP A 479 10.25 20.82 2.21
N VAL A 480 10.54 21.88 2.94
CA VAL A 480 11.73 22.70 2.73
C VAL A 480 12.61 22.57 3.96
N HIS A 481 13.90 22.34 3.74
CA HIS A 481 14.86 22.25 4.83
C HIS A 481 16.21 22.73 4.30
N CYS A 482 16.90 23.55 5.10
CA CYS A 482 18.21 24.05 4.71
C CYS A 482 19.00 24.38 5.97
N SER A 483 20.30 24.07 5.91
CA SER A 483 21.14 24.22 7.11
C SER A 483 21.43 25.68 7.42
N ASN A 484 21.96 26.43 6.45
CA ASN A 484 22.38 27.81 6.67
C ASN A 484 21.21 28.69 7.10
N GLU A 485 21.25 29.17 8.34
CA GLU A 485 20.12 29.92 8.89
C GLU A 485 19.87 31.20 8.10
N LYS A 486 20.95 31.88 7.67
CA LYS A 486 20.79 33.11 6.91
C LYS A 486 20.37 32.82 5.47
N LYS A 487 20.97 31.81 4.84
CA LYS A 487 20.63 31.50 3.45
C LYS A 487 19.19 31.03 3.33
N LEU A 488 18.65 30.38 4.36
CA LEU A 488 17.24 30.01 4.34
C LEU A 488 16.35 31.23 4.46
N GLU A 489 16.75 32.21 5.27
CA GLU A 489 15.95 33.42 5.38
C GLU A 489 15.98 34.24 4.10
N GLU A 490 17.11 34.21 3.38
CA GLU A 490 17.14 34.79 2.03
C GLU A 490 16.19 34.06 1.10
N PHE A 491 15.80 32.83 1.44
CA PHE A 491 14.81 32.06 0.70
C PHE A 491 13.40 32.18 1.30
N ARG A 492 13.29 32.36 2.61
CA ARG A 492 11.97 32.53 3.21
C ARG A 492 11.34 33.86 2.78
N GLU A 493 12.13 34.94 2.72
CA GLU A 493 11.63 36.24 2.29
C GLU A 493 11.54 36.37 0.77
N LYS A 494 12.25 35.53 0.02
CA LYS A 494 12.15 35.57 -1.43
C LYS A 494 10.87 34.91 -1.93
N ASN A 495 10.60 33.67 -1.50
CA ASN A 495 9.47 32.90 -1.98
C ASN A 495 8.31 32.88 -0.99
N ALA A 496 8.18 33.92 -0.15
CA ALA A 496 7.20 33.91 0.92
C ALA A 496 5.77 33.76 0.40
N LEU A 497 5.46 34.41 -0.72
CA LEU A 497 4.12 34.32 -1.29
C LEU A 497 3.72 32.86 -1.57
N ASN A 498 4.70 32.02 -1.92
CA ASN A 498 4.44 30.63 -2.27
C ASN A 498 4.65 29.68 -1.10
N LEU A 499 4.81 30.19 0.12
CA LEU A 499 5.15 29.37 1.27
C LEU A 499 4.00 29.32 2.28
N ALA A 500 4.03 28.27 3.10
CA ALA A 500 3.06 28.07 4.16
C ALA A 500 3.70 27.26 5.26
N LEU A 501 3.00 27.17 6.40
CA LEU A 501 3.32 26.27 7.48
C LEU A 501 2.25 25.19 7.57
N ASP A 502 2.65 23.94 7.80
CA ASP A 502 1.68 22.89 8.00
C ASP A 502 1.29 22.80 9.47
N ALA A 503 0.48 21.79 9.80
CA ALA A 503 0.03 21.61 11.17
C ALA A 503 1.17 21.30 12.13
N ALA A 504 2.30 20.82 11.60
CA ALA A 504 3.47 20.50 12.41
C ALA A 504 4.45 21.67 12.53
N GLY A 505 4.26 22.74 11.75
CA GLY A 505 5.19 23.85 11.75
C GLY A 505 6.34 23.72 10.79
N HIS A 506 6.29 22.77 9.86
CA HIS A 506 7.31 22.65 8.84
C HIS A 506 7.05 23.62 7.70
N LEU A 507 8.11 24.00 7.00
CA LEU A 507 8.02 24.93 5.89
C LEU A 507 7.61 24.17 4.63
N VAL A 508 6.52 24.61 3.99
CA VAL A 508 5.97 23.94 2.83
C VAL A 508 5.94 24.91 1.66
N TYR A 509 6.52 24.50 0.55
CA TYR A 509 6.45 25.25 -0.71
C TYR A 509 5.22 24.77 -1.47
N LEU A 510 4.13 25.51 -1.36
CA LEU A 510 2.94 25.21 -2.16
C LEU A 510 3.15 25.72 -3.58
N ALA A 511 3.12 24.81 -4.55
CA ALA A 511 3.40 25.19 -5.92
C ALA A 511 2.13 25.28 -6.75
N PRO A 512 1.97 26.33 -7.56
CA PRO A 512 0.80 26.40 -8.44
C PRO A 512 0.84 25.34 -9.55
N THR A 513 2.03 24.90 -9.94
CA THR A 513 2.19 23.87 -10.96
C THR A 513 3.46 23.08 -10.67
N ARG A 514 3.54 21.89 -11.26
CA ARG A 514 4.80 21.16 -11.25
C ARG A 514 5.91 21.98 -11.88
N VAL A 515 5.57 22.82 -12.86
CA VAL A 515 6.58 23.59 -13.59
C VAL A 515 7.15 24.70 -12.71
N ASN A 516 6.29 25.43 -12.00
CA ASN A 516 6.77 26.45 -11.08
C ASN A 516 7.70 25.86 -10.03
N LEU A 517 7.45 24.62 -9.62
CA LEU A 517 8.27 23.98 -8.59
C LEU A 517 9.68 23.68 -9.09
N GLN A 518 9.79 23.11 -10.29
CA GLN A 518 11.10 22.80 -10.85
C GLN A 518 11.94 24.06 -11.02
N LEU A 519 11.31 25.15 -11.50
CA LEU A 519 12.01 26.44 -11.52
C LEU A 519 12.45 26.85 -10.12
N ALA A 520 11.56 26.67 -9.13
CA ALA A 520 11.91 27.02 -7.75
C ALA A 520 13.07 26.18 -7.25
N GLN A 521 13.09 24.90 -7.60
CA GLN A 521 14.16 24.02 -7.13
C GLN A 521 15.51 24.45 -7.72
N GLU A 522 15.51 24.97 -8.93
CA GLU A 522 16.77 25.32 -9.57
C GLU A 522 17.28 26.68 -9.11
N ARG A 523 16.38 27.64 -8.85
CA ARG A 523 16.80 28.94 -8.35
C ARG A 523 17.50 28.83 -7.00
N SER A 524 17.17 27.80 -6.22
CA SER A 524 17.71 27.60 -4.87
C SER A 524 18.49 26.28 -4.88
N PRO A 525 19.75 26.29 -5.30
CA PRO A 525 20.50 25.03 -5.39
C PRO A 525 20.82 24.43 -4.04
N ASP A 526 21.07 25.25 -3.02
CA ASP A 526 21.42 24.78 -1.68
C ASP A 526 20.20 24.57 -0.79
N VAL A 527 19.07 24.18 -1.36
CA VAL A 527 17.83 24.00 -0.61
C VAL A 527 17.27 22.61 -0.93
N ARG A 528 16.89 21.89 0.12
CA ARG A 528 16.32 20.55 -0.03
C ARG A 528 14.82 20.67 -0.25
N PHE A 529 14.34 20.08 -1.34
CA PHE A 529 12.91 19.93 -1.64
C PHE A 529 12.58 18.44 -1.56
N SER A 530 11.95 18.01 -0.47
CA SER A 530 11.65 16.60 -0.24
C SER A 530 10.14 16.38 -0.19
N ALA A 531 9.71 15.25 -0.74
CA ALA A 531 8.29 14.95 -0.93
C ALA A 531 7.67 14.19 0.23
N THR A 532 8.37 14.06 1.36
CA THR A 532 7.87 13.29 2.50
C THR A 532 8.34 13.93 3.80
N ARG A 533 7.64 13.58 4.89
CA ARG A 533 7.89 14.18 6.19
C ARG A 533 7.39 13.23 7.27
N GLU A 534 8.20 13.06 8.31
CA GLU A 534 7.86 12.17 9.41
C GLU A 534 6.66 12.71 10.20
N ALA A 535 5.73 11.82 10.55
CA ALA A 535 4.53 12.24 11.25
C ALA A 535 4.75 12.51 12.75
N ALA A 536 5.99 12.39 13.23
CA ALA A 536 6.30 12.57 14.65
C ALA A 536 6.86 13.96 14.95
N HIS A 537 6.35 15.00 14.28
CA HIS A 537 6.73 16.40 14.55
C HIS A 537 8.22 16.65 14.30
N THR A 538 8.81 15.89 13.40
CA THR A 538 10.24 15.99 13.14
C THR A 538 10.56 15.67 11.69
PB GDP B . -9.13 -3.40 -10.00
O1B GDP B . -9.43 -3.99 -8.63
O2B GDP B . -7.70 -2.91 -10.09
O3B GDP B . -10.07 -2.22 -10.20
O3A GDP B . -9.39 -4.48 -11.18
PA GDP B . -10.68 -5.45 -11.16
O1A GDP B . -10.27 -6.76 -10.55
O2A GDP B . -11.85 -4.87 -10.37
O5' GDP B . -11.06 -5.65 -12.72
C5' GDP B . -12.41 -5.37 -13.08
C4' GDP B . -12.68 -5.72 -14.53
O4' GDP B . -11.50 -6.28 -15.12
C3' GDP B . -13.77 -6.77 -14.59
O3' GDP B . -14.74 -6.44 -15.61
C2' GDP B . -13.02 -8.06 -14.91
O2' GDP B . -13.80 -8.97 -15.71
C1' GDP B . -11.80 -7.56 -15.66
N9 GDP B . -10.65 -8.48 -15.48
C8 GDP B . -9.94 -8.68 -14.36
N7 GDP B . -8.95 -9.59 -14.58
C5 GDP B . -9.03 -9.98 -15.87
C6 GDP B . -8.31 -10.92 -16.76
O6 GDP B . -7.34 -11.59 -16.36
N1 GDP B . -8.72 -11.01 -18.02
C2 GDP B . -9.77 -10.29 -18.50
N2 GDP B . -10.12 -10.46 -19.79
N3 GDP B . -10.48 -9.43 -17.74
C4 GDP B . -10.15 -9.23 -16.45
#